data_8XZ4
#
_entry.id   8XZ4
#
_cell.length_a   77.375
_cell.length_b   77.375
_cell.length_c   58.444
_cell.angle_alpha   90.00
_cell.angle_beta   90.00
_cell.angle_gamma   90.00
#
_symmetry.space_group_name_H-M   'P 43'
#
loop_
_entity.id
_entity.type
_entity.pdbx_description
1 polymer Radixin
2 polymer "Spike protein S2'"
3 water water
#
loop_
_entity_poly.entity_id
_entity_poly.type
_entity_poly.pdbx_seq_one_letter_code
_entity_poly.pdbx_strand_id
1 'polypeptide(L)'
;MPKPINVRVTTMDAELEFAIQPNTTGKQLFDQVVKTVGLREVWFFGLQYVDSKGYSTWLKLNKKVTQQDVKKENPLQFKF
RAKFFPEDVSEELIQEITQRLFFLQVKEAILNDEIYCPPETAVLLASYAVQAKYGDYNKEIHKPGYLANDRLLPQRVLEQ
HKLTKEQWEERIQNWHEEHRGMLREDSMMEYLKIAQDLEMYGVNYFEIKNKKGTELWLGVDALGLNIYEHDDKLTPKIGF
PWSEIRNISFNDKKFVIKPIDKKAPDFVFYAPRLRINKRILALCMGNHELYMRRRK
;
A
2 'polypeptide(L)' DSEPVLKGVKLHYT B
#
# COMPACT_ATOMS: atom_id res chain seq x y z
N PRO A 4 -7.65 -7.11 30.04
CA PRO A 4 -7.83 -7.60 28.67
C PRO A 4 -7.37 -6.59 27.64
N ILE A 5 -6.69 -7.06 26.59
CA ILE A 5 -6.22 -6.21 25.51
C ILE A 5 -6.97 -6.62 24.26
N ASN A 6 -8.00 -5.85 23.89
CA ASN A 6 -8.76 -6.12 22.69
C ASN A 6 -8.04 -5.53 21.48
N VAL A 7 -7.82 -6.36 20.46
CA VAL A 7 -7.18 -5.92 19.22
C VAL A 7 -8.04 -6.38 18.05
N ARG A 8 -8.08 -5.56 17.00
CA ARG A 8 -8.85 -5.84 15.79
C ARG A 8 -7.92 -5.68 14.60
N VAL A 9 -7.79 -6.74 13.80
CA VAL A 9 -6.97 -6.73 12.59
C VAL A 9 -7.89 -6.89 11.40
N THR A 10 -7.78 -5.99 10.45
CA THR A 10 -8.55 -6.05 9.21
C THR A 10 -7.62 -6.35 8.05
N THR A 11 -7.99 -7.34 7.24
CA THR A 11 -7.49 -7.41 5.88
C THR A 11 -8.42 -6.57 5.01
N MET A 12 -8.14 -6.52 3.70
CA MET A 12 -8.97 -5.72 2.82
C MET A 12 -10.40 -6.28 2.72
N ASP A 13 -10.61 -7.55 3.07
CA ASP A 13 -11.95 -8.13 3.00
C ASP A 13 -12.27 -9.05 4.17
N ALA A 14 -11.57 -8.91 5.30
CA ALA A 14 -11.89 -9.68 6.50
C ALA A 14 -11.58 -8.82 7.72
N GLU A 15 -12.22 -9.18 8.84
CA GLU A 15 -12.03 -8.49 10.11
C GLU A 15 -11.84 -9.54 11.20
N LEU A 16 -10.72 -9.47 11.90
CA LEU A 16 -10.37 -10.42 12.95
C LEU A 16 -10.22 -9.67 14.26
N GLU A 17 -10.84 -10.19 15.31
CA GLU A 17 -10.76 -9.61 16.65
C GLU A 17 -10.12 -10.62 17.59
N PHE A 18 -9.04 -10.21 18.25
CA PHE A 18 -8.26 -11.05 19.15
C PHE A 18 -8.18 -10.40 20.53
N ALA A 19 -8.10 -11.25 21.56
CA ALA A 19 -7.69 -10.86 22.90
C ALA A 19 -6.25 -11.30 23.09
N ILE A 20 -5.38 -10.39 23.49
CA ILE A 20 -3.97 -10.70 23.59
C ILE A 20 -3.49 -10.36 24.99
N GLN A 21 -2.20 -10.57 25.23
CA GLN A 21 -1.58 -10.39 26.52
C GLN A 21 -0.46 -9.35 26.43
N PRO A 22 -0.02 -8.80 27.56
CA PRO A 22 1.09 -7.84 27.51
C PRO A 22 2.37 -8.42 26.94
N ASN A 23 2.56 -9.74 27.01
CA ASN A 23 3.75 -10.39 26.47
C ASN A 23 3.62 -10.74 24.99
N THR A 24 2.45 -10.50 24.39
CA THR A 24 2.22 -10.95 23.02
C THR A 24 3.03 -10.13 22.03
N THR A 25 3.77 -10.83 21.16
CA THR A 25 4.58 -10.19 20.14
C THR A 25 3.75 -9.93 18.89
N GLY A 26 4.22 -8.97 18.09
CA GLY A 26 3.60 -8.74 16.79
C GLY A 26 3.66 -9.96 15.89
N LYS A 27 4.73 -10.75 16.02
CA LYS A 27 4.86 -11.97 15.22
C LYS A 27 3.76 -12.96 15.56
N GLN A 28 3.42 -13.09 16.85
CA GLN A 28 2.34 -13.98 17.25
C GLN A 28 1.01 -13.53 16.69
N LEU A 29 0.74 -12.23 16.73
CA LEU A 29 -0.46 -11.70 16.10
C LEU A 29 -0.40 -11.85 14.58
N PHE A 30 0.75 -11.56 13.98
CA PHE A 30 0.92 -11.67 12.54
C PHE A 30 0.67 -13.09 12.06
N ASP A 31 1.27 -14.07 12.73
CA ASP A 31 1.16 -15.46 12.30
C ASP A 31 -0.25 -15.99 12.47
N GLN A 32 -1.00 -15.50 13.47
CA GLN A 32 -2.36 -15.97 13.66
C GLN A 32 -3.30 -15.43 12.59
N VAL A 33 -3.14 -14.14 12.24
CA VAL A 33 -3.88 -13.59 11.11
C VAL A 33 -3.58 -14.38 9.84
N VAL A 34 -2.30 -14.68 9.64
CA VAL A 34 -1.84 -15.22 8.36
C VAL A 34 -2.39 -16.63 8.15
N LYS A 35 -2.30 -17.49 9.17
CA LYS A 35 -2.83 -18.84 9.03
C LYS A 35 -4.34 -18.89 9.11
N THR A 36 -4.97 -17.90 9.75
CA THR A 36 -6.43 -17.85 9.76
C THR A 36 -6.98 -17.60 8.35
N VAL A 37 -6.39 -16.66 7.61
CA VAL A 37 -6.83 -16.38 6.24
C VAL A 37 -6.13 -17.26 5.22
N GLY A 38 -5.09 -18.00 5.62
CA GLY A 38 -4.44 -18.95 4.73
C GLY A 38 -3.54 -18.33 3.68
N LEU A 39 -2.63 -17.46 4.10
CA LEU A 39 -1.70 -16.79 3.20
C LEU A 39 -0.28 -17.25 3.51
N ARG A 40 0.50 -17.51 2.45
CA ARG A 40 1.86 -17.98 2.62
C ARG A 40 2.92 -17.01 2.08
N GLU A 41 2.56 -16.07 1.23
CA GLU A 41 3.50 -15.08 0.72
C GLU A 41 3.58 -13.90 1.69
N VAL A 42 4.07 -14.21 2.89
CA VAL A 42 4.00 -13.28 4.02
C VAL A 42 5.00 -12.13 3.91
N TRP A 43 6.06 -12.29 3.10
CA TRP A 43 7.11 -11.29 3.03
C TRP A 43 6.60 -9.94 2.55
N PHE A 44 5.45 -9.91 1.88
CA PHE A 44 4.89 -8.66 1.36
C PHE A 44 4.11 -7.86 2.39
N PHE A 45 3.76 -8.45 3.53
CA PHE A 45 2.71 -7.90 4.38
C PHE A 45 3.23 -7.51 5.75
N GLY A 46 2.42 -6.70 6.43
CA GLY A 46 2.71 -6.25 7.78
C GLY A 46 1.43 -5.75 8.44
N LEU A 47 1.56 -5.33 9.69
CA LEU A 47 0.45 -4.87 10.49
C LEU A 47 0.58 -3.36 10.68
N GLN A 48 -0.19 -2.60 9.91
CA GLN A 48 -0.18 -1.15 9.99
C GLN A 48 -0.99 -0.68 11.20
N TYR A 49 -0.56 0.43 11.80
CA TYR A 49 -1.28 1.04 12.91
C TYR A 49 -0.92 2.52 12.97
N VAL A 50 -1.65 3.24 13.82
CA VAL A 50 -1.42 4.66 14.09
C VAL A 50 -0.89 4.79 15.51
N ASP A 51 0.04 5.72 15.72
CA ASP A 51 0.74 5.82 17.00
C ASP A 51 0.26 7.03 17.81
N SER A 52 0.97 7.34 18.90
CA SER A 52 0.58 8.45 19.77
C SER A 52 0.44 9.74 18.97
N LYS A 53 1.42 10.01 18.10
CA LYS A 53 1.46 11.28 17.39
C LYS A 53 0.60 11.29 16.12
N GLY A 54 -0.16 10.24 15.87
CA GLY A 54 -0.95 10.17 14.66
C GLY A 54 -0.18 9.78 13.42
N TYR A 55 0.94 9.08 13.57
CA TYR A 55 1.71 8.61 12.43
C TYR A 55 1.27 7.21 12.05
N SER A 56 1.17 6.96 10.74
CA SER A 56 0.92 5.63 10.22
C SER A 56 2.25 4.92 10.04
N THR A 57 2.41 3.77 10.68
CA THR A 57 3.65 3.01 10.63
C THR A 57 3.31 1.52 10.71
N TRP A 58 4.34 0.69 10.82
CA TRP A 58 4.17 -0.76 10.83
C TRP A 58 4.66 -1.34 12.15
N LEU A 59 3.96 -2.36 12.62
CA LEU A 59 4.36 -3.08 13.82
C LEU A 59 5.67 -3.84 13.56
N LYS A 60 6.63 -3.68 14.48
CA LYS A 60 7.76 -4.60 14.50
C LYS A 60 7.29 -5.94 15.02
N LEU A 61 7.57 -7.01 14.28
CA LEU A 61 7.10 -8.33 14.68
C LEU A 61 7.98 -8.95 15.76
N ASN A 62 9.20 -8.47 15.94
CA ASN A 62 10.09 -9.01 16.96
C ASN A 62 9.84 -8.44 18.35
N LYS A 63 9.03 -7.39 18.46
CA LYS A 63 8.75 -6.74 19.73
C LYS A 63 7.28 -6.92 20.09
N LYS A 64 7.00 -6.80 21.39
CA LYS A 64 5.64 -6.98 21.87
C LYS A 64 4.72 -5.88 21.34
N VAL A 65 3.45 -6.24 21.13
CA VAL A 65 2.47 -5.29 20.61
C VAL A 65 2.33 -4.10 21.54
N THR A 66 2.47 -4.32 22.85
CA THR A 66 2.23 -3.27 23.84
C THR A 66 3.36 -2.26 23.95
N GLN A 67 4.56 -2.59 23.46
CA GLN A 67 5.74 -1.75 23.64
C GLN A 67 6.00 -0.85 22.43
N GLN A 68 4.99 -0.58 21.61
CA GLN A 68 5.22 0.07 20.33
C GLN A 68 4.38 1.32 20.12
N ASP A 69 3.84 1.90 21.20
CA ASP A 69 3.21 3.21 21.14
C ASP A 69 1.98 3.19 20.23
N VAL A 70 1.27 2.06 20.23
CA VAL A 70 0.03 1.96 19.45
C VAL A 70 -1.02 2.88 20.08
N LYS A 71 -1.77 3.58 19.24
CA LYS A 71 -2.82 4.46 19.72
C LYS A 71 -3.85 3.68 20.54
N LYS A 72 -4.16 4.28 21.69
CA LYS A 72 -5.06 3.64 22.66
C LYS A 72 -6.52 3.86 22.27
N GLU A 73 -7.20 2.78 21.96
CA GLU A 73 -8.64 2.79 21.61
C GLU A 73 -9.09 1.42 22.09
N ASN A 74 -10.35 1.28 22.50
CA ASN A 74 -10.72 -0.02 23.12
C ASN A 74 -10.35 -1.11 22.15
N PRO A 75 -10.92 -1.19 20.95
CA PRO A 75 -10.42 -2.16 20.02
C PRO A 75 -9.14 -1.54 19.46
N LEU A 76 -7.95 -2.11 19.75
CA LEU A 76 -6.71 -1.63 19.07
C LEU A 76 -6.92 -1.82 17.58
N GLN A 77 -6.35 -0.97 16.73
CA GLN A 77 -6.71 -1.02 15.32
C GLN A 77 -5.47 -1.31 14.49
N PHE A 78 -5.44 -2.48 13.87
CA PHE A 78 -4.36 -2.89 12.99
C PHE A 78 -4.93 -3.22 11.61
N LYS A 79 -4.23 -2.77 10.58
CA LYS A 79 -4.60 -3.06 9.20
C LYS A 79 -3.54 -3.99 8.62
N PHE A 80 -3.90 -5.27 8.49
CA PHE A 80 -3.04 -6.21 7.78
C PHE A 80 -3.01 -5.80 6.31
N ARG A 81 -1.86 -5.28 5.87
CA ARG A 81 -1.76 -4.67 4.55
C ARG A 81 -0.45 -5.07 3.89
N ALA A 82 -0.42 -4.92 2.57
CA ALA A 82 0.83 -5.03 1.84
C ALA A 82 1.77 -3.91 2.26
N LYS A 83 2.92 -4.30 2.78
CA LYS A 83 3.95 -3.35 3.21
C LYS A 83 5.05 -3.19 2.18
N PHE A 84 5.35 -4.24 1.42
CA PHE A 84 6.33 -4.21 0.36
C PHE A 84 5.64 -4.59 -0.95
N PHE A 85 6.06 -3.94 -2.03
CA PHE A 85 5.40 -4.12 -3.32
C PHE A 85 6.37 -4.74 -4.32
N PRO A 86 5.94 -5.74 -5.09
CA PRO A 86 6.85 -6.38 -6.04
C PRO A 86 7.21 -5.43 -7.17
N GLU A 87 8.33 -5.73 -7.83
CA GLU A 87 8.70 -5.01 -9.03
C GLU A 87 7.80 -5.36 -10.21
N ASP A 88 7.14 -6.52 -10.17
CA ASP A 88 6.15 -6.89 -11.18
C ASP A 88 5.20 -7.90 -10.56
N VAL A 89 3.91 -7.52 -10.48
CA VAL A 89 2.90 -8.36 -9.85
C VAL A 89 2.72 -9.68 -10.58
N SER A 90 2.99 -9.71 -11.89
CA SER A 90 2.76 -10.93 -12.66
C SER A 90 3.75 -12.02 -12.30
N GLU A 91 4.98 -11.66 -11.92
CA GLU A 91 6.00 -12.65 -11.59
C GLU A 91 5.97 -13.05 -10.12
N GLU A 92 5.41 -12.24 -9.24
CA GLU A 92 5.69 -12.35 -7.81
C GLU A 92 4.48 -12.59 -6.92
N LEU A 93 3.25 -12.41 -7.40
CA LEU A 93 2.05 -12.65 -6.61
C LEU A 93 1.43 -13.96 -7.09
N ILE A 94 1.65 -15.03 -6.34
CA ILE A 94 1.31 -16.37 -6.82
C ILE A 94 -0.07 -16.82 -6.35
N GLN A 95 -0.30 -16.78 -5.03
CA GLN A 95 -1.59 -17.22 -4.51
C GLN A 95 -2.69 -16.23 -4.85
N GLU A 96 -3.92 -16.75 -4.99
CA GLU A 96 -5.07 -15.88 -5.25
C GLU A 96 -5.34 -14.96 -4.06
N ILE A 97 -5.16 -15.47 -2.84
CA ILE A 97 -5.35 -14.62 -1.66
C ILE A 97 -4.41 -13.42 -1.72
N THR A 98 -3.17 -13.65 -2.13
CA THR A 98 -2.21 -12.56 -2.23
C THR A 98 -2.62 -11.57 -3.32
N GLN A 99 -3.00 -12.09 -4.48
CA GLN A 99 -3.42 -11.23 -5.58
C GLN A 99 -4.67 -10.43 -5.22
N ARG A 100 -5.64 -11.07 -4.57
CA ARG A 100 -6.87 -10.36 -4.22
C ARG A 100 -6.59 -9.23 -3.23
N LEU A 101 -5.80 -9.52 -2.20
CA LEU A 101 -5.52 -8.50 -1.19
C LEU A 101 -4.75 -7.33 -1.77
N PHE A 102 -3.81 -7.60 -2.68
CA PHE A 102 -3.11 -6.52 -3.37
C PHE A 102 -4.09 -5.72 -4.23
N PHE A 103 -4.96 -6.41 -4.96
CA PHE A 103 -5.91 -5.74 -5.84
C PHE A 103 -6.84 -4.82 -5.04
N LEU A 104 -7.41 -5.32 -3.94
CA LEU A 104 -8.32 -4.51 -3.15
C LEU A 104 -7.61 -3.31 -2.53
N GLN A 105 -6.39 -3.52 -2.03
CA GLN A 105 -5.65 -2.44 -1.39
C GLN A 105 -5.25 -1.37 -2.40
N VAL A 106 -4.78 -1.78 -3.58
CA VAL A 106 -4.34 -0.82 -4.59
C VAL A 106 -5.55 -0.08 -5.16
N LYS A 107 -6.67 -0.77 -5.38
CA LYS A 107 -7.86 -0.11 -5.89
C LYS A 107 -8.37 0.93 -4.90
N GLU A 108 -8.36 0.61 -3.60
CA GLU A 108 -8.80 1.57 -2.60
C GLU A 108 -7.92 2.82 -2.61
N ALA A 109 -6.61 2.62 -2.67
CA ALA A 109 -5.69 3.77 -2.72
C ALA A 109 -5.96 4.63 -3.95
N ILE A 110 -6.24 3.99 -5.09
CA ILE A 110 -6.55 4.74 -6.30
C ILE A 110 -7.88 5.47 -6.15
N LEU A 111 -8.90 4.78 -5.61
CA LEU A 111 -10.20 5.41 -5.44
C LEU A 111 -10.16 6.52 -4.40
N ASN A 112 -9.25 6.44 -3.43
CA ASN A 112 -9.10 7.46 -2.41
C ASN A 112 -8.19 8.59 -2.82
N ASP A 113 -7.80 8.65 -4.10
CA ASP A 113 -6.91 9.69 -4.62
C ASP A 113 -5.58 9.74 -3.89
N GLU A 114 -5.15 8.61 -3.33
CA GLU A 114 -3.83 8.53 -2.73
C GLU A 114 -2.75 8.25 -3.76
N ILE A 115 -3.10 7.61 -4.86
CA ILE A 115 -2.23 7.44 -6.01
C ILE A 115 -2.85 8.21 -7.16
N TYR A 116 -2.13 9.21 -7.67
CA TYR A 116 -2.61 9.96 -8.81
C TYR A 116 -2.83 9.04 -10.00
N CYS A 117 -3.92 9.25 -10.73
CA CYS A 117 -4.18 8.38 -11.86
C CYS A 117 -4.93 9.13 -12.95
N PRO A 118 -4.42 9.14 -14.19
CA PRO A 118 -5.10 9.87 -15.25
C PRO A 118 -6.50 9.34 -15.48
N PRO A 119 -7.40 10.18 -15.99
CA PRO A 119 -8.80 9.74 -16.13
C PRO A 119 -8.98 8.58 -17.09
N GLU A 120 -8.22 8.53 -18.18
CA GLU A 120 -8.33 7.40 -19.11
C GLU A 120 -7.91 6.10 -18.43
N THR A 121 -6.78 6.13 -17.73
CA THR A 121 -6.36 4.97 -16.95
C THR A 121 -7.38 4.63 -15.87
N ALA A 122 -8.00 5.65 -15.26
CA ALA A 122 -8.95 5.40 -14.18
C ALA A 122 -10.17 4.63 -14.67
N VAL A 123 -10.69 4.99 -15.86
CA VAL A 123 -11.86 4.31 -16.41
C VAL A 123 -11.50 2.89 -16.84
N LEU A 124 -10.33 2.73 -17.45
CA LEU A 124 -9.86 1.38 -17.78
C LEU A 124 -9.71 0.54 -16.53
N LEU A 125 -9.14 1.11 -15.46
CA LEU A 125 -9.04 0.41 -14.19
C LEU A 125 -10.43 0.05 -13.67
N ALA A 126 -11.37 1.00 -13.75
CA ALA A 126 -12.73 0.75 -13.28
C ALA A 126 -13.38 -0.37 -14.07
N SER A 127 -13.05 -0.51 -15.35
CA SER A 127 -13.66 -1.56 -16.16
C SER A 127 -13.19 -2.95 -15.73
N TYR A 128 -11.91 -3.09 -15.38
CA TYR A 128 -11.43 -4.37 -14.88
C TYR A 128 -12.04 -4.69 -13.52
N ALA A 129 -12.30 -3.67 -12.70
CA ALA A 129 -12.91 -3.92 -11.39
C ALA A 129 -14.33 -4.45 -11.53
N VAL A 130 -15.07 -3.98 -12.53
CA VAL A 130 -16.44 -4.46 -12.70
C VAL A 130 -16.45 -5.82 -13.38
N GLN A 131 -15.45 -6.12 -14.21
CA GLN A 131 -15.37 -7.47 -14.78
C GLN A 131 -15.00 -8.48 -13.70
N ALA A 132 -14.24 -8.07 -12.69
CA ALA A 132 -13.93 -8.96 -11.57
C ALA A 132 -15.15 -9.16 -10.69
N LYS A 133 -15.86 -8.08 -10.36
CA LYS A 133 -17.00 -8.20 -9.46
C LYS A 133 -18.18 -8.87 -10.16
N TYR A 134 -18.55 -8.36 -11.34
CA TYR A 134 -19.80 -8.76 -12.00
C TYR A 134 -19.62 -9.91 -12.98
N GLY A 135 -18.39 -10.29 -13.32
CA GLY A 135 -18.26 -11.20 -14.43
C GLY A 135 -18.62 -10.48 -15.73
N ASP A 136 -18.96 -11.29 -16.73
CA ASP A 136 -19.26 -10.74 -18.05
C ASP A 136 -20.48 -9.84 -18.00
N TYR A 137 -20.41 -8.73 -18.72
CA TYR A 137 -21.60 -7.92 -18.94
C TYR A 137 -22.60 -8.72 -19.75
N ASN A 138 -23.81 -8.84 -19.24
CA ASN A 138 -24.89 -9.52 -19.94
C ASN A 138 -26.02 -8.52 -20.17
N LYS A 139 -26.46 -8.42 -21.44
CA LYS A 139 -27.44 -7.42 -21.83
C LYS A 139 -28.66 -7.48 -20.93
N GLU A 140 -29.04 -8.66 -20.44
CA GLU A 140 -30.28 -8.82 -19.67
C GLU A 140 -30.12 -8.42 -18.20
N ILE A 141 -29.26 -9.14 -17.46
CA ILE A 141 -29.16 -8.88 -16.02
C ILE A 141 -28.41 -7.60 -15.70
N HIS A 142 -27.79 -6.95 -16.69
CA HIS A 142 -27.09 -5.67 -16.50
C HIS A 142 -27.77 -4.60 -17.36
N LYS A 143 -28.97 -4.18 -16.95
CA LYS A 143 -29.71 -3.10 -17.60
C LYS A 143 -29.18 -1.74 -17.22
N PRO A 144 -29.33 -0.73 -18.11
CA PRO A 144 -28.87 0.63 -17.81
C PRO A 144 -29.05 1.08 -16.36
N GLY A 145 -27.94 1.44 -15.71
CA GLY A 145 -27.95 1.87 -14.34
C GLY A 145 -27.44 0.86 -13.34
N TYR A 146 -26.85 -0.25 -13.78
CA TYR A 146 -26.42 -1.30 -12.86
C TYR A 146 -25.16 -0.93 -12.09
N LEU A 147 -24.45 0.13 -12.49
CA LEU A 147 -23.29 0.62 -11.75
C LEU A 147 -23.57 1.96 -11.08
N ALA A 148 -24.83 2.37 -11.00
CA ALA A 148 -25.16 3.65 -10.38
C ALA A 148 -24.77 3.70 -8.91
N ASN A 149 -24.74 2.54 -8.25
CA ASN A 149 -24.39 2.47 -6.84
C ASN A 149 -23.02 1.83 -6.61
N ASP A 150 -22.20 1.72 -7.65
CA ASP A 150 -20.83 1.26 -7.53
C ASP A 150 -19.89 2.45 -7.52
N ARG A 151 -18.91 2.42 -6.62
CA ARG A 151 -17.88 3.45 -6.54
C ARG A 151 -16.76 3.06 -7.51
N LEU A 152 -16.68 3.77 -8.63
CA LEU A 152 -15.84 3.36 -9.74
C LEU A 152 -14.61 4.23 -9.97
N LEU A 153 -14.70 5.54 -9.75
CA LEU A 153 -13.59 6.40 -10.11
C LEU A 153 -13.20 7.30 -8.94
N PRO A 154 -11.94 7.71 -8.85
CA PRO A 154 -11.53 8.66 -7.81
C PRO A 154 -12.14 10.04 -8.04
N GLN A 155 -12.35 10.75 -6.93
CA GLN A 155 -13.05 12.03 -6.98
C GLN A 155 -12.28 13.09 -7.76
N ARG A 156 -10.94 13.04 -7.71
CA ARG A 156 -10.16 14.00 -8.47
C ARG A 156 -10.45 13.90 -9.95
N VAL A 157 -10.69 12.68 -10.44
CA VAL A 157 -11.10 12.52 -11.83
C VAL A 157 -12.46 13.17 -12.07
N LEU A 158 -13.36 13.07 -11.08
CA LEU A 158 -14.69 13.63 -11.27
C LEU A 158 -14.66 15.15 -11.29
N GLU A 159 -13.69 15.78 -10.62
CA GLU A 159 -13.72 17.22 -10.45
C GLU A 159 -13.51 17.95 -11.77
N GLN A 160 -12.75 17.38 -12.69
CA GLN A 160 -12.82 17.84 -14.08
C GLN A 160 -14.01 17.11 -14.69
N HIS A 161 -15.19 17.68 -14.47
CA HIS A 161 -16.48 17.03 -14.72
C HIS A 161 -17.02 17.35 -16.10
N LYS A 162 -16.19 17.15 -17.13
CA LYS A 162 -16.68 17.29 -18.50
C LYS A 162 -17.79 16.29 -18.81
N LEU A 163 -17.90 15.22 -18.04
CA LEU A 163 -18.94 14.22 -18.19
C LEU A 163 -19.83 14.21 -16.95
N THR A 164 -21.07 13.78 -17.13
CA THR A 164 -21.96 13.64 -15.99
C THR A 164 -21.75 12.28 -15.32
N LYS A 165 -22.38 12.13 -14.15
CA LYS A 165 -22.33 10.87 -13.41
C LYS A 165 -22.83 9.69 -14.24
N GLU A 166 -23.71 9.94 -15.22
CA GLU A 166 -24.25 8.88 -16.06
C GLU A 166 -23.43 8.67 -17.32
N GLN A 167 -22.81 9.73 -17.84
CA GLN A 167 -21.89 9.58 -18.96
C GLN A 167 -20.68 8.76 -18.57
N TRP A 168 -20.20 8.94 -17.35
CA TRP A 168 -19.11 8.14 -16.83
C TRP A 168 -19.46 6.66 -16.86
N GLU A 169 -20.56 6.30 -16.20
CA GLU A 169 -20.94 4.89 -16.08
C GLU A 169 -21.15 4.25 -17.44
N GLU A 170 -21.62 5.00 -18.43
CA GLU A 170 -21.82 4.43 -19.76
C GLU A 170 -20.49 4.13 -20.44
N ARG A 171 -19.49 5.01 -20.25
CA ARG A 171 -18.18 4.75 -20.82
C ARG A 171 -17.49 3.58 -20.12
N ILE A 172 -17.69 3.44 -18.81
CA ILE A 172 -17.17 2.28 -18.11
C ILE A 172 -17.86 1.01 -18.58
N GLN A 173 -19.18 1.08 -18.73
CA GLN A 173 -19.96 -0.03 -19.27
C GLN A 173 -19.39 -0.51 -20.60
N ASN A 174 -19.06 0.44 -21.50
CA ASN A 174 -18.50 0.10 -22.80
C ASN A 174 -17.24 -0.75 -22.66
N TRP A 175 -16.37 -0.41 -21.70
CA TRP A 175 -15.12 -1.15 -21.56
C TRP A 175 -15.32 -2.45 -20.80
N HIS A 176 -16.35 -2.52 -19.95
CA HIS A 176 -16.72 -3.80 -19.35
C HIS A 176 -17.05 -4.83 -20.43
N GLU A 177 -17.73 -4.40 -21.50
CA GLU A 177 -18.09 -5.31 -22.58
C GLU A 177 -16.86 -5.89 -23.27
N GLU A 178 -15.83 -5.08 -23.45
CA GLU A 178 -14.62 -5.51 -24.14
C GLU A 178 -13.84 -6.57 -23.37
N HIS A 179 -14.19 -6.82 -22.11
CA HIS A 179 -13.51 -7.81 -21.29
C HIS A 179 -14.27 -9.12 -21.19
N ARG A 180 -15.03 -9.47 -22.23
CA ARG A 180 -16.06 -10.50 -22.12
C ARG A 180 -15.47 -11.86 -21.78
N GLY A 181 -14.29 -12.18 -22.32
CA GLY A 181 -13.74 -13.48 -22.01
C GLY A 181 -13.05 -13.58 -20.65
N MET A 182 -12.81 -12.44 -20.01
CA MET A 182 -11.86 -12.40 -18.90
C MET A 182 -12.42 -13.07 -17.65
N LEU A 183 -11.63 -13.97 -17.07
CA LEU A 183 -11.97 -14.61 -15.81
C LEU A 183 -11.67 -13.68 -14.64
N ARG A 184 -12.22 -14.02 -13.47
CA ARG A 184 -12.22 -13.11 -12.34
C ARG A 184 -10.81 -12.80 -11.85
N GLU A 185 -9.98 -13.83 -11.69
CA GLU A 185 -8.63 -13.61 -11.18
C GLU A 185 -7.78 -12.84 -12.16
N ASP A 186 -7.91 -13.12 -13.46
CA ASP A 186 -7.15 -12.38 -14.45
C ASP A 186 -7.58 -10.92 -14.54
N SER A 187 -8.86 -10.65 -14.27
CA SER A 187 -9.33 -9.26 -14.24
C SER A 187 -8.64 -8.47 -13.13
N MET A 188 -8.56 -9.05 -11.94
CA MET A 188 -7.84 -8.42 -10.84
C MET A 188 -6.37 -8.20 -11.21
N MET A 189 -5.77 -9.17 -11.89
CA MET A 189 -4.35 -9.07 -12.22
C MET A 189 -4.11 -8.02 -13.30
N GLU A 190 -5.03 -7.88 -14.25
CA GLU A 190 -4.90 -6.83 -15.26
C GLU A 190 -5.00 -5.45 -14.63
N TYR A 191 -5.87 -5.31 -13.62
CA TYR A 191 -5.92 -4.08 -12.83
C TYR A 191 -4.56 -3.79 -12.20
N LEU A 192 -3.96 -4.79 -11.56
CA LEU A 192 -2.69 -4.58 -10.88
C LEU A 192 -1.56 -4.33 -11.87
N LYS A 193 -1.64 -4.90 -13.07
CA LYS A 193 -0.61 -4.64 -14.08
C LYS A 193 -0.61 -3.18 -14.51
N ILE A 194 -1.79 -2.59 -14.67
CA ILE A 194 -1.88 -1.19 -15.03
C ILE A 194 -1.52 -0.31 -13.85
N ALA A 195 -2.07 -0.63 -12.67
CA ALA A 195 -1.89 0.23 -11.50
C ALA A 195 -0.43 0.32 -11.09
N GLN A 196 0.32 -0.77 -11.22
CA GLN A 196 1.69 -0.80 -10.75
C GLN A 196 2.63 0.12 -11.53
N ASP A 197 2.20 0.64 -12.68
CA ASP A 197 3.03 1.53 -13.47
C ASP A 197 2.76 3.01 -13.21
N LEU A 198 1.76 3.33 -12.39
CA LEU A 198 1.57 4.70 -11.98
C LEU A 198 2.75 5.17 -11.14
N GLU A 199 3.11 6.45 -11.28
CA GLU A 199 4.33 6.96 -10.67
C GLU A 199 4.27 6.92 -9.14
N MET A 200 3.10 7.11 -8.56
CA MET A 200 2.95 7.13 -7.11
C MET A 200 2.73 5.75 -6.51
N TYR A 201 2.61 4.72 -7.34
CA TYR A 201 2.37 3.37 -6.86
C TYR A 201 3.57 2.85 -6.08
N GLY A 202 3.32 2.29 -4.90
CA GLY A 202 4.35 1.63 -4.14
C GLY A 202 5.38 2.54 -3.50
N VAL A 203 5.10 3.83 -3.38
CA VAL A 203 6.03 4.78 -2.80
C VAL A 203 5.60 5.08 -1.37
N ASN A 204 6.55 4.99 -0.43
CA ASN A 204 6.34 5.40 0.95
C ASN A 204 6.85 6.82 1.10
N TYR A 205 5.92 7.75 1.37
CA TYR A 205 6.24 9.18 1.41
C TYR A 205 6.51 9.62 2.85
N PHE A 206 7.58 10.39 3.05
CA PHE A 206 7.95 10.93 4.35
C PHE A 206 8.17 12.43 4.23
N GLU A 207 7.57 13.19 5.15
CA GLU A 207 7.73 14.64 5.18
C GLU A 207 9.08 14.97 5.79
N ILE A 208 9.92 15.69 5.04
CA ILE A 208 11.29 15.99 5.43
C ILE A 208 11.60 17.44 5.09
N LYS A 209 12.79 17.88 5.50
CA LYS A 209 13.32 19.20 5.18
C LYS A 209 14.80 19.07 4.86
N ASN A 210 15.29 19.96 4.00
CA ASN A 210 16.72 20.01 3.73
C ASN A 210 17.40 20.93 4.76
N LYS A 211 18.71 21.12 4.60
CA LYS A 211 19.46 21.91 5.57
C LYS A 211 18.98 23.35 5.63
N LYS A 212 18.44 23.87 4.54
CA LYS A 212 17.97 25.24 4.48
C LYS A 212 16.58 25.44 5.06
N GLY A 213 15.93 24.36 5.49
CA GLY A 213 14.57 24.43 6.01
C GLY A 213 13.49 24.28 4.98
N THR A 214 13.84 24.03 3.73
CA THR A 214 12.83 23.83 2.68
C THR A 214 12.17 22.47 2.85
N GLU A 215 10.84 22.45 2.83
CA GLU A 215 10.11 21.20 2.95
C GLU A 215 10.28 20.35 1.71
N LEU A 216 10.43 19.05 1.91
CA LEU A 216 10.55 18.10 0.82
C LEU A 216 9.80 16.82 1.18
N TRP A 217 9.70 15.92 0.20
CA TRP A 217 9.21 14.57 0.40
C TRP A 217 10.36 13.60 0.20
N LEU A 218 10.39 12.54 1.01
CA LEU A 218 11.31 11.43 0.82
C LEU A 218 10.48 10.21 0.47
N GLY A 219 10.77 9.62 -0.68
CA GLY A 219 10.10 8.40 -1.12
C GLY A 219 11.00 7.19 -0.94
N VAL A 220 10.42 6.12 -0.40
CA VAL A 220 11.08 4.82 -0.31
C VAL A 220 10.22 3.83 -1.08
N ASP A 221 10.79 3.21 -2.10
CA ASP A 221 10.08 2.17 -2.84
C ASP A 221 10.97 0.97 -3.08
N ALA A 222 10.51 0.05 -3.93
CA ALA A 222 11.24 -1.20 -4.15
C ALA A 222 12.60 -0.98 -4.79
N LEU A 223 12.84 0.16 -5.44
CA LEU A 223 14.06 0.38 -6.19
C LEU A 223 15.02 1.37 -5.56
N GLY A 224 14.64 2.03 -4.48
CA GLY A 224 15.58 2.91 -3.82
C GLY A 224 14.87 4.10 -3.21
N LEU A 225 15.61 5.21 -3.14
CA LEU A 225 15.15 6.43 -2.49
C LEU A 225 15.00 7.55 -3.51
N ASN A 226 14.03 8.44 -3.23
CA ASN A 226 13.76 9.57 -4.12
C ASN A 226 13.47 10.81 -3.29
N ILE A 227 13.94 11.95 -3.79
CA ILE A 227 13.66 13.25 -3.20
C ILE A 227 12.69 13.97 -4.11
N TYR A 228 11.57 14.43 -3.55
CA TYR A 228 10.59 15.22 -4.27
C TYR A 228 10.54 16.62 -3.69
N GLU A 229 10.24 17.60 -4.54
CA GLU A 229 9.83 18.89 -4.03
C GLU A 229 8.45 18.76 -3.38
N HIS A 230 8.19 19.63 -2.41
CA HIS A 230 6.98 19.48 -1.59
C HIS A 230 5.72 19.58 -2.42
N ASP A 231 5.76 20.32 -3.53
CA ASP A 231 4.59 20.49 -4.37
C ASP A 231 4.66 19.67 -5.66
N ASP A 232 5.51 18.64 -5.72
CA ASP A 232 5.47 17.72 -6.85
C ASP A 232 5.81 16.33 -6.34
N LYS A 233 4.78 15.58 -5.96
CA LYS A 233 4.94 14.22 -5.46
C LYS A 233 4.92 13.18 -6.57
N LEU A 234 4.81 13.60 -7.83
CA LEU A 234 4.79 12.66 -8.94
C LEU A 234 6.19 12.34 -9.46
N THR A 235 7.01 13.37 -9.71
CA THR A 235 8.28 13.18 -10.38
C THR A 235 9.43 13.50 -9.43
N PRO A 236 10.29 12.53 -9.14
CA PRO A 236 11.45 12.80 -8.29
C PRO A 236 12.39 13.81 -8.93
N LYS A 237 12.96 14.67 -8.09
CA LYS A 237 14.01 15.60 -8.53
C LYS A 237 15.40 15.00 -8.38
N ILE A 238 15.58 14.12 -7.40
CA ILE A 238 16.80 13.33 -7.25
C ILE A 238 16.41 11.88 -7.05
N GLY A 239 17.11 10.98 -7.72
CA GLY A 239 16.85 9.56 -7.59
C GLY A 239 18.05 8.79 -7.09
N PHE A 240 17.85 7.93 -6.10
CA PHE A 240 18.91 7.11 -5.52
C PHE A 240 18.51 5.64 -5.60
N PRO A 241 18.74 4.99 -6.74
CA PRO A 241 18.60 3.53 -6.80
C PRO A 241 19.64 2.87 -5.91
N TRP A 242 19.33 1.65 -5.49
CA TRP A 242 20.20 0.93 -4.56
C TRP A 242 21.63 0.85 -5.10
N SER A 243 21.77 0.52 -6.38
CA SER A 243 23.10 0.34 -6.96
C SER A 243 23.90 1.63 -7.00
N GLU A 244 23.25 2.78 -6.89
CA GLU A 244 23.93 4.06 -6.97
C GLU A 244 24.12 4.72 -5.60
N ILE A 245 23.91 3.98 -4.51
CA ILE A 245 24.06 4.49 -3.16
C ILE A 245 25.31 3.89 -2.55
N ARG A 246 26.21 4.74 -2.05
CA ARG A 246 27.36 4.24 -1.32
C ARG A 246 26.98 3.82 0.09
N ASN A 247 26.35 4.72 0.85
CA ASN A 247 25.84 4.38 2.17
C ASN A 247 24.69 5.30 2.52
N ILE A 248 23.85 4.85 3.46
CA ILE A 248 22.82 5.69 4.04
C ILE A 248 23.00 5.67 5.55
N SER A 249 22.60 6.76 6.19
CA SER A 249 22.84 6.92 7.61
C SER A 249 21.79 7.85 8.20
N PHE A 250 21.60 7.74 9.51
CA PHE A 250 20.90 8.75 10.28
C PHE A 250 21.50 8.82 11.68
N ASN A 251 21.43 10.01 12.26
CA ASN A 251 21.79 10.23 13.66
C ASN A 251 20.72 11.16 14.23
N ASP A 252 19.89 10.63 15.12
CA ASP A 252 18.71 11.35 15.61
C ASP A 252 17.91 11.83 14.41
N LYS A 253 17.83 13.15 14.21
CA LYS A 253 16.96 13.72 13.19
C LYS A 253 17.65 13.89 11.84
N LYS A 254 18.98 13.84 11.80
CA LYS A 254 19.73 14.07 10.56
C LYS A 254 19.90 12.76 9.80
N PHE A 255 19.57 12.80 8.51
CA PHE A 255 19.68 11.66 7.61
C PHE A 255 20.53 12.07 6.42
N VAL A 256 21.45 11.19 6.01
CA VAL A 256 22.39 11.49 4.94
C VAL A 256 22.43 10.32 3.96
N ILE A 257 22.32 10.62 2.67
CA ILE A 257 22.52 9.66 1.59
C ILE A 257 23.83 10.02 0.90
N LYS A 258 24.76 9.06 0.82
CA LYS A 258 26.00 9.26 0.08
C LYS A 258 25.95 8.46 -1.21
N PRO A 259 26.05 9.10 -2.37
CA PRO A 259 26.05 8.36 -3.63
C PRO A 259 27.39 7.72 -3.91
N ILE A 260 27.38 6.74 -4.80
CA ILE A 260 28.63 6.01 -5.16
C ILE A 260 29.55 6.91 -5.96
N ASP A 261 29.02 7.90 -6.68
CA ASP A 261 29.86 8.75 -7.57
C ASP A 261 31.17 9.15 -6.89
N LYS A 262 31.15 9.61 -5.65
CA LYS A 262 32.40 9.88 -4.90
C LYS A 262 32.79 11.35 -5.09
N LYS A 263 32.42 11.92 -6.22
CA LYS A 263 32.61 13.38 -6.37
C LYS A 263 31.28 14.05 -6.04
N ALA A 264 30.18 13.33 -6.23
CA ALA A 264 28.86 13.89 -5.88
C ALA A 264 28.78 14.18 -4.38
N PRO A 265 28.10 15.27 -3.98
CA PRO A 265 27.93 15.56 -2.57
C PRO A 265 26.84 14.69 -1.96
N ASP A 266 26.99 14.43 -0.66
CA ASP A 266 25.94 13.73 0.07
C ASP A 266 24.67 14.56 0.06
N PHE A 267 23.52 13.88 0.11
CA PHE A 267 22.25 14.55 0.29
C PHE A 267 21.83 14.44 1.75
N VAL A 268 21.59 15.58 2.38
CA VAL A 268 21.29 15.67 3.80
C VAL A 268 19.86 16.15 3.96
N PHE A 269 19.08 15.46 4.78
CA PHE A 269 17.73 15.92 5.11
C PHE A 269 17.45 15.64 6.58
N TYR A 270 16.40 16.28 7.08
CA TYR A 270 16.06 16.25 8.49
C TYR A 270 14.62 15.82 8.67
N ALA A 271 14.39 14.93 9.61
CA ALA A 271 13.08 14.39 9.97
C ALA A 271 12.54 15.10 11.20
N PRO A 272 11.23 15.08 11.42
CA PRO A 272 10.67 15.72 12.62
C PRO A 272 11.19 15.13 13.92
N ARG A 273 11.56 13.84 13.92
CA ARG A 273 12.02 13.17 15.13
C ARG A 273 12.71 11.87 14.73
N LEU A 274 13.32 11.24 15.73
CA LEU A 274 14.16 10.07 15.47
C LEU A 274 13.35 8.88 14.97
N ARG A 275 12.12 8.72 15.47
CA ARG A 275 11.33 7.56 15.09
C ARG A 275 10.99 7.58 13.61
N ILE A 276 10.91 8.77 13.00
CA ILE A 276 10.68 8.85 11.56
C ILE A 276 11.88 8.29 10.81
N ASN A 277 13.08 8.69 11.20
CA ASN A 277 14.29 8.18 10.56
C ASN A 277 14.46 6.69 10.78
N LYS A 278 14.07 6.19 11.95
CA LYS A 278 14.10 4.74 12.17
C LYS A 278 13.12 4.02 11.25
N ARG A 279 11.92 4.59 11.07
CA ARG A 279 10.94 3.98 10.18
C ARG A 279 11.38 4.06 8.72
N ILE A 280 12.03 5.16 8.33
CA ILE A 280 12.57 5.27 6.98
C ILE A 280 13.59 4.17 6.74
N LEU A 281 14.53 4.01 7.67
CA LEU A 281 15.60 3.02 7.49
C LEU A 281 15.04 1.60 7.45
N ALA A 282 14.06 1.31 8.31
CA ALA A 282 13.48 -0.03 8.33
C ALA A 282 12.87 -0.39 6.99
N LEU A 283 12.18 0.56 6.35
CA LEU A 283 11.65 0.32 5.01
C LEU A 283 12.76 0.21 3.98
N CYS A 284 13.85 0.97 4.15
CA CYS A 284 15.00 0.82 3.26
C CYS A 284 15.59 -0.58 3.35
N MET A 285 15.75 -1.08 4.58
CA MET A 285 16.31 -2.41 4.75
C MET A 285 15.38 -3.49 4.20
N GLY A 286 14.07 -3.33 4.43
CA GLY A 286 13.13 -4.32 3.91
C GLY A 286 13.07 -4.33 2.40
N ASN A 287 13.06 -3.16 1.78
CA ASN A 287 12.97 -3.09 0.33
C ASN A 287 14.27 -3.51 -0.33
N HIS A 288 15.42 -3.14 0.26
CA HIS A 288 16.70 -3.54 -0.31
C HIS A 288 16.90 -5.04 -0.26
N GLU A 289 16.45 -5.68 0.83
CA GLU A 289 16.60 -7.13 0.96
C GLU A 289 15.79 -7.86 -0.11
N LEU A 290 14.52 -7.49 -0.26
CA LEU A 290 13.71 -8.09 -1.32
C LEU A 290 14.30 -7.79 -2.69
N TYR A 291 14.87 -6.60 -2.87
CA TYR A 291 15.54 -6.26 -4.12
C TYR A 291 16.69 -7.22 -4.40
N MET A 292 17.53 -7.47 -3.39
CA MET A 292 18.63 -8.40 -3.56
C MET A 292 18.13 -9.83 -3.78
N ARG A 293 17.09 -10.23 -3.04
CA ARG A 293 16.58 -11.60 -3.16
C ARG A 293 15.99 -11.86 -4.54
N ARG A 294 15.54 -10.82 -5.23
CA ARG A 294 15.02 -11.00 -6.59
C ARG A 294 16.11 -11.25 -7.62
N ARG A 295 17.36 -11.07 -7.23
CA ARG A 295 18.45 -11.10 -8.22
C ARG A 295 19.51 -12.15 -7.91
N LYS A 296 19.20 -13.13 -7.07
CA LYS A 296 20.24 -14.11 -6.67
C LYS A 296 19.87 -15.49 -7.21
N ASP B 1 2.84 -18.85 26.82
CA ASP B 1 3.22 -18.63 25.43
C ASP B 1 2.56 -17.40 24.81
N SER B 2 1.35 -17.07 25.29
CA SER B 2 0.67 -15.79 25.03
C SER B 2 0.15 -15.69 23.60
N GLU B 3 -0.33 -16.80 23.05
CA GLU B 3 -0.94 -16.77 21.74
C GLU B 3 -2.23 -15.95 21.78
N PRO B 4 -2.51 -15.19 20.74
CA PRO B 4 -3.80 -14.50 20.66
C PRO B 4 -4.93 -15.51 20.52
N VAL B 5 -6.07 -15.11 21.07
CA VAL B 5 -7.29 -15.94 21.00
C VAL B 5 -8.28 -15.20 20.11
N LEU B 6 -8.79 -15.90 19.10
CA LEU B 6 -9.80 -15.33 18.19
C LEU B 6 -11.13 -15.31 18.91
N LYS B 7 -11.78 -14.17 18.86
CA LYS B 7 -13.06 -14.02 19.57
C LYS B 7 -14.07 -13.51 18.57
N GLY B 8 -13.61 -13.22 17.36
CA GLY B 8 -14.50 -12.70 16.31
C GLY B 8 -13.95 -12.73 14.91
N VAL B 9 -14.78 -13.04 13.92
CA VAL B 9 -14.37 -12.99 12.52
C VAL B 9 -15.53 -12.46 11.70
N LYS B 10 -15.22 -11.58 10.73
CA LYS B 10 -16.17 -11.18 9.70
C LYS B 10 -15.50 -11.35 8.35
N LEU B 11 -16.18 -12.03 7.42
CA LEU B 11 -15.67 -12.29 6.08
C LEU B 11 -16.56 -11.59 5.07
N HIS B 12 -15.97 -10.78 4.19
CA HIS B 12 -16.71 -9.83 3.38
C HIS B 12 -17.02 -10.30 1.97
N TYR B 13 -16.38 -11.37 1.49
CA TYR B 13 -16.65 -11.92 0.16
C TYR B 13 -16.49 -10.88 -0.95
#